data_3DDD
#
_entry.id   3DDD
#
_cell.length_a   113.673
_cell.length_b   113.673
_cell.length_c   70.756
_cell.angle_alpha   90.000
_cell.angle_beta   90.000
_cell.angle_gamma   90.000
#
_symmetry.space_group_name_H-M   'P 43 21 2'
#
loop_
_entity.id
_entity.type
_entity.pdbx_description
1 polymer 'Putative Acetyltransferase'
2 non-polymer 'COENZYME A'
3 non-polymer 1,2-ETHANEDIOL
4 water water
#
_entity_poly.entity_id   1
_entity_poly.type   'polypeptide(L)'
_entity_poly.pdbx_seq_one_letter_code
;(MSE)GSDKIHHHHHHENLYFQG(MSE)IIRYATPDDIED(MSE)VSIFIDAYNFPGPRESVKSSFEISLEVQPDGCLLA
FLKDEPVG(MSE)GCIFFYNKQAWIGL(MSE)GVKKAYQRRGIGTEVFRRLLEIGRRKVDTIRLDASSQGYGLYKKFKFV
DEYRTVRYEL(MSE)ERPIKRVEGVVEVNKIPNWVKEIDKKAFGDDRIRVLEAY(MSE)RRGARLLCAENEGFGLVYRGK
IGPLVADSPRVAEKILLKAFQLGAREIIIPEVNKDALELIKIFKPSQVTSC(MSE)R(MSE)RLGSKIEEKVDIYYGILA
YAKG
;
_entity_poly.pdbx_strand_id   A
#
loop_
_chem_comp.id
_chem_comp.type
_chem_comp.name
_chem_comp.formula
COA non-polymer 'COENZYME A' 'C21 H36 N7 O16 P3 S'
EDO non-polymer 1,2-ETHANEDIOL 'C2 H6 O2'
#
# COMPACT_ATOMS: atom_id res chain seq x y z
N HIS A 8 24.86 -19.61 36.14
CA HIS A 8 24.59 -19.07 34.77
C HIS A 8 25.62 -19.59 33.76
N HIS A 9 25.26 -19.54 32.47
CA HIS A 9 25.95 -20.25 31.36
C HIS A 9 25.70 -19.55 30.00
N HIS A 10 24.46 -19.59 29.47
CA HIS A 10 24.14 -19.06 28.13
C HIS A 10 23.43 -17.69 28.17
N HIS A 11 23.93 -16.76 27.35
CA HIS A 11 23.53 -15.34 27.41
C HIS A 11 22.92 -14.84 26.11
N HIS A 12 21.59 -14.82 26.06
CA HIS A 12 20.84 -14.42 24.86
C HIS A 12 20.26 -13.03 25.13
N GLU A 13 20.58 -12.06 24.26
CA GLU A 13 20.16 -10.67 24.49
C GLU A 13 18.88 -10.31 23.73
N ASN A 14 18.10 -11.31 23.34
CA ASN A 14 16.73 -11.03 22.93
C ASN A 14 15.76 -12.01 23.61
N LEU A 15 14.48 -11.58 23.69
CA LEU A 15 13.37 -12.43 24.07
C LEU A 15 13.49 -13.79 23.35
N TYR A 16 13.04 -14.85 24.01
CA TYR A 16 12.95 -16.15 23.38
C TYR A 16 11.59 -16.25 22.67
N PHE A 17 11.60 -16.67 21.40
CA PHE A 17 10.38 -16.91 20.64
C PHE A 17 10.62 -18.09 19.68
N GLN A 18 10.24 -19.28 20.11
CA GLN A 18 10.31 -20.48 19.27
C GLN A 18 11.70 -20.76 18.62
N GLY A 19 12.78 -20.33 19.26
CA GLY A 19 14.14 -20.50 18.73
C GLY A 19 14.47 -19.68 17.48
N MSE A 20 13.65 -18.67 17.21
CA MSE A 20 13.80 -17.86 16.02
C MSE A 20 14.51 -16.59 16.36
O MSE A 20 14.63 -16.22 17.51
CB MSE A 20 12.44 -17.54 15.45
CG MSE A 20 11.58 -18.77 15.19
SE MSE A 20 9.99 -18.17 14.31
CE MSE A 20 10.72 -17.91 12.50
N ILE A 21 14.99 -15.93 15.31
CA ILE A 21 15.66 -14.63 15.35
C ILE A 21 14.76 -13.69 14.57
N ILE A 22 14.42 -12.55 15.17
CA ILE A 22 13.70 -11.52 14.46
C ILE A 22 14.54 -10.25 14.48
N ARG A 23 14.76 -9.67 13.32
CA ARG A 23 15.63 -8.53 13.24
C ARG A 23 15.22 -7.56 12.14
N TYR A 24 15.84 -6.38 12.16
CA TYR A 24 15.64 -5.36 11.14
C TYR A 24 16.25 -5.87 9.86
N ALA A 25 15.49 -5.76 8.77
CA ALA A 25 15.97 -6.07 7.43
C ALA A 25 16.86 -4.93 6.95
N THR A 26 17.79 -5.24 6.04
CA THR A 26 18.54 -4.25 5.28
C THR A 26 18.34 -4.60 3.81
N PRO A 27 18.87 -3.76 2.86
CA PRO A 27 18.73 -4.13 1.45
C PRO A 27 19.45 -5.44 1.06
N ASP A 28 20.38 -5.93 1.86
CA ASP A 28 20.95 -7.26 1.57
C ASP A 28 19.92 -8.37 1.73
N ASP A 29 18.80 -8.11 2.41
CA ASP A 29 17.78 -9.12 2.62
C ASP A 29 16.66 -9.15 1.55
N ILE A 30 16.84 -8.41 0.45
CA ILE A 30 15.76 -8.24 -0.54
C ILE A 30 15.32 -9.56 -1.16
N GLU A 31 16.27 -10.42 -1.50
CA GLU A 31 15.92 -11.67 -2.13
C GLU A 31 15.08 -12.53 -1.18
N ASP A 32 15.49 -12.60 0.09
CA ASP A 32 14.70 -13.33 1.08
C ASP A 32 13.30 -12.76 1.27
N MSE A 33 13.19 -11.45 1.31
CA MSE A 33 11.89 -10.83 1.49
C MSE A 33 11.00 -11.24 0.33
O MSE A 33 9.84 -11.63 0.52
CB MSE A 33 12.00 -9.29 1.57
CG MSE A 33 12.76 -8.81 2.79
SE MSE A 33 13.42 -6.99 2.69
CE MSE A 33 11.77 -6.03 2.37
N VAL A 34 11.56 -11.15 -0.88
CA VAL A 34 10.84 -11.49 -2.09
C VAL A 34 10.37 -12.95 -2.08
N SER A 35 11.23 -13.85 -1.63
CA SER A 35 10.90 -15.28 -1.53
C SER A 35 9.78 -15.55 -0.52
N ILE A 36 9.85 -14.90 0.64
CA ILE A 36 8.77 -14.98 1.61
C ILE A 36 7.48 -14.52 0.98
N PHE A 37 7.53 -13.38 0.28
CA PHE A 37 6.32 -12.77 -0.24
C PHE A 37 5.65 -13.64 -1.30
N ILE A 38 6.45 -14.22 -2.20
CA ILE A 38 5.99 -15.03 -3.31
C ILE A 38 5.37 -16.34 -2.81
N ASP A 39 6.03 -17.00 -1.86
CA ASP A 39 5.44 -18.08 -1.08
C ASP A 39 4.12 -17.65 -0.38
N ALA A 40 4.19 -16.72 0.54
CA ALA A 40 3.02 -16.37 1.32
C ALA A 40 1.82 -15.99 0.43
N TYR A 41 2.03 -15.19 -0.60
CA TYR A 41 0.93 -14.67 -1.43
C TYR A 41 0.69 -15.51 -2.72
N ASN A 42 1.40 -16.62 -2.90
CA ASN A 42 1.28 -17.50 -4.07
C ASN A 42 1.37 -16.70 -5.35
N PHE A 43 2.39 -15.88 -5.45
CA PHE A 43 2.46 -14.90 -6.52
C PHE A 43 2.98 -15.58 -7.77
N PRO A 44 2.15 -15.61 -8.85
CA PRO A 44 2.56 -16.33 -10.05
C PRO A 44 3.32 -15.42 -11.03
N GLY A 45 3.35 -14.13 -10.74
CA GLY A 45 3.99 -13.14 -11.61
C GLY A 45 5.51 -13.17 -11.60
N PRO A 46 6.14 -12.26 -12.35
CA PRO A 46 7.59 -12.23 -12.41
C PRO A 46 8.23 -11.69 -11.10
N ARG A 47 9.37 -12.26 -10.74
CA ARG A 47 10.09 -11.95 -9.51
C ARG A 47 10.49 -10.47 -9.37
N GLU A 48 11.11 -9.96 -10.43
CA GLU A 48 11.60 -8.61 -10.52
C GLU A 48 10.55 -7.60 -10.12
N SER A 49 9.31 -7.93 -10.41
CA SER A 49 8.20 -7.08 -10.02
C SER A 49 8.22 -6.82 -8.51
N VAL A 50 8.33 -7.89 -7.73
CA VAL A 50 8.31 -7.82 -6.26
C VAL A 50 9.61 -7.18 -5.75
N LYS A 51 10.75 -7.55 -6.35
CA LYS A 51 12.04 -7.02 -5.95
C LYS A 51 12.08 -5.48 -6.03
N SER A 52 11.61 -4.95 -7.15
CA SER A 52 11.59 -3.51 -7.33
C SER A 52 10.63 -2.83 -6.36
N SER A 53 9.51 -3.47 -6.07
CA SER A 53 8.56 -2.91 -5.14
C SER A 53 9.18 -2.79 -3.74
N PHE A 54 9.95 -3.80 -3.33
CA PHE A 54 10.53 -3.85 -2.01
C PHE A 54 11.75 -2.95 -1.86
N GLU A 55 12.51 -2.77 -2.92
CA GLU A 55 13.54 -1.74 -2.92
C GLU A 55 12.92 -0.35 -2.62
N ILE A 56 11.76 -0.08 -3.18
CA ILE A 56 11.05 1.19 -2.94
C ILE A 56 10.61 1.27 -1.47
N SER A 57 10.06 0.18 -0.96
CA SER A 57 9.60 0.12 0.44
C SER A 57 10.72 0.46 1.42
N LEU A 58 11.89 -0.17 1.26
CA LEU A 58 13.02 0.13 2.11
C LEU A 58 13.58 1.56 1.93
N GLU A 59 13.42 2.17 0.76
CA GLU A 59 13.72 3.61 0.63
C GLU A 59 12.72 4.46 1.44
N VAL A 60 11.44 4.10 1.37
CA VAL A 60 10.41 4.81 2.12
C VAL A 60 10.64 4.65 3.63
N GLN A 61 11.00 3.45 4.08
CA GLN A 61 11.20 3.22 5.51
C GLN A 61 12.36 2.27 5.73
N PRO A 62 13.60 2.82 5.70
CA PRO A 62 14.78 1.94 5.78
C PRO A 62 14.83 0.99 6.96
N ASP A 63 14.31 1.42 8.09
CA ASP A 63 14.24 0.63 9.32
C ASP A 63 12.83 0.12 9.56
N GLY A 64 12.08 -0.09 8.50
CA GLY A 64 10.67 -0.44 8.67
C GLY A 64 10.36 -1.90 8.57
N CYS A 65 11.34 -2.71 8.16
CA CYS A 65 11.04 -4.09 7.88
C CYS A 65 11.67 -5.04 8.93
N LEU A 66 10.80 -5.81 9.57
CA LEU A 66 11.21 -6.89 10.49
C LEU A 66 11.17 -8.23 9.77
N LEU A 67 12.23 -9.03 9.94
CA LEU A 67 12.36 -10.37 9.31
C LEU A 67 12.53 -11.42 10.38
N ALA A 68 11.82 -12.55 10.25
CA ALA A 68 11.88 -13.67 11.21
C ALA A 68 12.59 -14.86 10.56
N PHE A 69 13.57 -15.38 11.27
CA PHE A 69 14.45 -16.40 10.76
C PHE A 69 14.38 -17.58 11.71
N LEU A 70 14.26 -18.78 11.17
CA LEU A 70 14.48 -19.99 11.96
C LEU A 70 15.76 -20.61 11.43
N LYS A 71 16.87 -20.34 12.12
CA LYS A 71 18.19 -20.87 11.76
C LYS A 71 18.55 -20.52 10.32
N ASP A 72 18.68 -19.22 10.05
CA ASP A 72 19.13 -18.75 8.73
C ASP A 72 18.14 -18.97 7.58
N GLU A 73 17.09 -19.75 7.80
CA GLU A 73 16.00 -19.88 6.83
C GLU A 73 15.05 -18.71 7.11
N PRO A 74 14.80 -17.86 6.10
CA PRO A 74 13.88 -16.76 6.26
C PRO A 74 12.45 -17.27 6.21
N VAL A 75 11.66 -16.90 7.21
CA VAL A 75 10.36 -17.50 7.39
C VAL A 75 9.22 -16.50 7.29
N GLY A 76 9.45 -15.28 7.76
CA GLY A 76 8.38 -14.30 7.94
C GLY A 76 8.87 -12.86 7.92
N MSE A 77 7.98 -11.94 7.52
CA MSE A 77 8.29 -10.55 7.41
C MSE A 77 7.10 -9.67 7.62
O MSE A 77 5.95 -10.13 7.49
CB MSE A 77 8.82 -10.25 6.00
CG MSE A 77 7.79 -10.36 4.92
SE MSE A 77 8.63 -9.95 3.19
CE MSE A 77 8.65 -8.04 3.34
N GLY A 78 7.39 -8.39 7.84
CA GLY A 78 6.35 -7.35 7.87
C GLY A 78 6.97 -5.97 7.92
N CYS A 79 6.16 -4.95 7.59
CA CYS A 79 6.65 -3.57 7.53
C CYS A 79 5.75 -2.55 8.12
N ILE A 80 6.38 -1.50 8.64
CA ILE A 80 5.67 -0.33 9.14
C ILE A 80 6.23 0.88 8.36
N PHE A 81 5.32 1.75 7.91
CA PHE A 81 5.66 2.96 7.19
C PHE A 81 5.09 4.15 7.94
N PHE A 82 5.96 5.06 8.36
CA PHE A 82 5.56 6.25 9.14
C PHE A 82 5.30 7.49 8.33
N TYR A 83 4.18 8.12 8.62
CA TYR A 83 3.90 9.49 8.20
C TYR A 83 3.85 10.37 9.47
N ASN A 84 3.21 11.52 9.40
CA ASN A 84 3.32 12.48 10.52
C ASN A 84 2.42 12.11 11.67
N LYS A 85 1.25 11.59 11.35
CA LYS A 85 0.19 11.38 12.34
C LYS A 85 -0.16 9.91 12.47
N GLN A 86 0.21 9.13 11.47
CA GLN A 86 -0.16 7.72 11.40
C GLN A 86 0.98 6.89 10.83
N ALA A 87 0.91 5.59 11.05
CA ALA A 87 1.77 4.62 10.34
C ALA A 87 0.87 3.60 9.70
N TRP A 88 1.35 3.04 8.58
CA TRP A 88 0.70 1.92 7.91
C TRP A 88 1.51 0.66 8.14
N ILE A 89 0.83 -0.43 8.47
CA ILE A 89 1.49 -1.73 8.47
C ILE A 89 1.08 -2.48 7.20
N GLY A 90 2.09 -2.94 6.48
CA GLY A 90 1.89 -3.69 5.28
C GLY A 90 2.91 -4.76 5.02
N LEU A 91 2.67 -5.56 3.98
CA LEU A 91 3.66 -6.55 3.51
C LEU A 91 3.88 -7.69 4.53
N MSE A 92 2.86 -7.97 5.36
CA MSE A 92 2.89 -9.15 6.22
C MSE A 92 2.84 -10.46 5.41
O MSE A 92 2.04 -10.62 4.50
CB MSE A 92 1.72 -9.14 7.19
CG MSE A 92 1.71 -7.97 8.17
SE MSE A 92 2.94 -8.14 9.65
CE MSE A 92 2.26 -9.81 10.38
N GLY A 93 3.68 -11.41 5.81
CA GLY A 93 3.86 -12.64 5.07
C GLY A 93 4.65 -13.64 5.86
N VAL A 94 4.11 -14.86 5.96
CA VAL A 94 4.85 -16.00 6.52
C VAL A 94 4.75 -17.13 5.54
N LYS A 95 5.88 -17.79 5.28
CA LYS A 95 5.96 -18.85 4.30
C LYS A 95 4.97 -19.92 4.69
N LYS A 96 4.28 -20.50 3.71
CA LYS A 96 3.15 -21.40 3.98
C LYS A 96 3.49 -22.54 4.93
N ALA A 97 4.71 -23.08 4.85
CA ALA A 97 5.13 -24.19 5.72
C ALA A 97 5.20 -23.79 7.19
N TYR A 98 5.19 -22.49 7.46
CA TYR A 98 5.45 -21.99 8.81
C TYR A 98 4.25 -21.24 9.34
N GLN A 99 3.16 -21.24 8.59
CA GLN A 99 1.98 -20.50 8.96
C GLN A 99 1.32 -21.18 10.14
N ARG A 100 0.52 -20.40 10.84
CA ARG A 100 -0.39 -20.90 11.84
C ARG A 100 0.33 -21.48 13.04
N ARG A 101 1.46 -20.88 13.38
CA ARG A 101 2.13 -21.19 14.63
C ARG A 101 2.57 -19.97 15.43
N GLY A 102 1.96 -18.81 15.19
CA GLY A 102 2.23 -17.57 15.93
C GLY A 102 3.28 -16.60 15.43
N ILE A 103 3.93 -16.91 14.30
CA ILE A 103 5.04 -16.10 13.79
C ILE A 103 4.57 -14.74 13.32
N GLY A 104 3.52 -14.71 12.51
CA GLY A 104 2.95 -13.44 12.07
C GLY A 104 2.49 -12.54 13.21
N THR A 105 1.82 -13.12 14.20
CA THR A 105 1.38 -12.41 15.40
C THR A 105 2.55 -11.72 16.11
N GLU A 106 3.67 -12.43 16.26
CA GLU A 106 4.91 -11.89 16.88
C GLU A 106 5.57 -10.76 16.09
N VAL A 107 5.74 -10.95 14.80
CA VAL A 107 6.26 -9.86 13.96
C VAL A 107 5.35 -8.61 14.09
N PHE A 108 4.05 -8.82 14.05
CA PHE A 108 3.12 -7.72 14.13
C PHE A 108 3.19 -6.98 15.49
N ARG A 109 3.26 -7.75 16.57
CA ARG A 109 3.47 -7.21 17.90
C ARG A 109 4.67 -6.28 17.96
N ARG A 110 5.76 -6.73 17.35
CA ARG A 110 7.00 -5.95 17.36
C ARG A 110 6.86 -4.66 16.56
N LEU A 111 6.19 -4.74 15.43
CA LEU A 111 5.94 -3.58 14.60
C LEU A 111 5.10 -2.56 15.33
N LEU A 112 4.10 -3.05 16.05
CA LEU A 112 3.20 -2.18 16.83
C LEU A 112 3.96 -1.47 17.94
N GLU A 113 4.93 -2.20 18.51
CA GLU A 113 5.75 -1.72 19.60
C GLU A 113 6.55 -0.52 19.17
N ILE A 114 7.14 -0.64 17.99
CA ILE A 114 7.84 0.45 17.31
C ILE A 114 6.92 1.60 16.96
N GLY A 115 5.74 1.29 16.41
CA GLY A 115 4.77 2.30 15.99
C GLY A 115 4.17 3.14 17.12
N ARG A 116 3.82 2.49 18.23
CA ARG A 116 3.24 3.17 19.39
C ARG A 116 4.15 4.22 20.04
N ARG A 117 5.46 4.04 19.97
CA ARG A 117 6.38 5.04 20.50
C ARG A 117 6.34 6.32 19.69
N LYS A 118 6.02 6.22 18.40
CA LYS A 118 6.11 7.37 17.50
C LYS A 118 4.77 8.02 17.13
N VAL A 119 3.72 7.22 16.94
CA VAL A 119 2.43 7.75 16.51
C VAL A 119 1.26 7.19 17.29
N ASP A 120 0.13 7.90 17.23
CA ASP A 120 -1.07 7.50 17.96
C ASP A 120 -2.14 6.79 17.12
N THR A 121 -1.93 6.70 15.83
CA THR A 121 -2.83 5.93 14.99
C THR A 121 -2.03 5.01 14.09
N ILE A 122 -2.42 3.75 14.04
CA ILE A 122 -1.84 2.80 13.11
C ILE A 122 -2.97 2.21 12.29
N ARG A 123 -2.76 2.15 10.99
CA ARG A 123 -3.75 1.62 10.08
C ARG A 123 -3.15 0.58 9.13
N LEU A 124 -4.05 -0.15 8.49
CA LEU A 124 -3.66 -1.21 7.58
C LEU A 124 -4.85 -1.64 6.73
N ASP A 125 -4.55 -2.37 5.67
CA ASP A 125 -5.55 -3.00 4.79
C ASP A 125 -5.45 -4.50 4.88
N ALA A 126 -6.45 -5.07 5.56
CA ALA A 126 -6.51 -6.48 5.94
C ALA A 126 -7.13 -7.43 4.93
N SER A 127 -6.39 -8.47 4.56
CA SER A 127 -6.91 -9.61 3.79
C SER A 127 -7.73 -10.52 4.71
N SER A 128 -8.33 -11.57 4.15
CA SER A 128 -9.07 -12.56 4.95
C SER A 128 -8.20 -13.34 5.92
N GLN A 129 -6.96 -13.65 5.54
CA GLN A 129 -6.08 -14.36 6.44
C GLN A 129 -5.59 -13.48 7.57
N GLY A 130 -5.31 -12.21 7.28
CA GLY A 130 -4.79 -11.29 8.28
C GLY A 130 -5.80 -10.82 9.30
N TYR A 131 -7.05 -10.63 8.84
CA TYR A 131 -8.09 -9.97 9.60
C TYR A 131 -8.14 -10.41 11.06
N GLY A 132 -8.13 -11.73 11.28
CA GLY A 132 -8.24 -12.27 12.63
C GLY A 132 -7.05 -11.96 13.53
N LEU A 133 -5.87 -11.86 12.94
CA LEU A 133 -4.65 -11.44 13.65
C LEU A 133 -4.86 -10.01 14.17
N TYR A 134 -5.22 -9.09 13.28
CA TYR A 134 -5.27 -7.66 13.63
C TYR A 134 -6.39 -7.36 14.65
N LYS A 135 -7.46 -8.13 14.57
CA LYS A 135 -8.58 -7.97 15.49
C LYS A 135 -8.19 -8.30 16.93
N LYS A 136 -7.29 -9.27 17.12
CA LYS A 136 -6.75 -9.61 18.43
C LYS A 136 -6.04 -8.41 19.09
N PHE A 137 -5.46 -7.50 18.28
CA PHE A 137 -4.80 -6.29 18.74
C PHE A 137 -5.72 -5.05 18.75
N LYS A 138 -7.02 -5.30 18.62
CA LYS A 138 -8.08 -4.33 18.85
C LYS A 138 -8.23 -3.34 17.68
N PHE A 139 -7.68 -3.71 16.52
CA PHE A 139 -7.98 -3.01 15.29
C PHE A 139 -9.48 -3.09 14.96
N VAL A 140 -10.05 -1.92 14.61
CA VAL A 140 -11.47 -1.79 14.29
C VAL A 140 -11.65 -1.53 12.79
N ASP A 141 -12.75 -1.99 12.21
CA ASP A 141 -13.05 -1.79 10.80
C ASP A 141 -13.25 -0.32 10.44
N GLU A 142 -12.69 0.09 9.30
CA GLU A 142 -13.02 1.37 8.72
C GLU A 142 -13.97 1.17 7.53
N TYR A 143 -13.43 0.81 6.37
CA TYR A 143 -14.22 0.54 5.18
C TYR A 143 -13.36 -0.34 4.28
N ARG A 144 -13.98 -0.96 3.28
N ARG A 144 -13.97 -0.97 3.28
CA ARG A 144 -13.27 -1.84 2.33
CA ARG A 144 -13.26 -1.88 2.37
C ARG A 144 -12.51 -1.07 1.27
C ARG A 144 -12.54 -1.12 1.26
N THR A 145 -11.41 -1.68 0.82
CA THR A 145 -10.58 -1.09 -0.21
C THR A 145 -10.50 -2.18 -1.25
N VAL A 146 -11.10 -1.93 -2.41
CA VAL A 146 -11.39 -2.97 -3.44
C VAL A 146 -10.53 -2.80 -4.69
N ARG A 147 -9.79 -3.86 -5.03
N ARG A 147 -9.79 -3.86 -5.02
CA ARG A 147 -8.86 -3.90 -6.15
CA ARG A 147 -8.90 -3.88 -6.16
C ARG A 147 -9.63 -4.34 -7.40
C ARG A 147 -9.67 -4.32 -7.39
N TYR A 148 -9.65 -3.47 -8.42
CA TYR A 148 -10.34 -3.72 -9.68
C TYR A 148 -9.34 -3.74 -10.79
N GLU A 149 -9.55 -4.62 -11.77
CA GLU A 149 -8.77 -4.62 -12.98
C GLU A 149 -9.65 -4.01 -14.06
N LEU A 150 -9.07 -3.12 -14.84
CA LEU A 150 -9.78 -2.32 -15.83
C LEU A 150 -9.55 -3.05 -17.16
N MSE A 151 -10.62 -3.48 -17.80
CA MSE A 151 -10.51 -4.49 -18.87
C MSE A 151 -10.51 -3.89 -20.26
O MSE A 151 -9.78 -4.37 -21.11
CB MSE A 151 -11.64 -5.52 -18.78
CG MSE A 151 -11.71 -6.31 -17.45
SE MSE A 151 -10.01 -6.98 -16.78
CE MSE A 151 -9.63 -8.24 -18.24
N GLU A 152 -11.31 -2.85 -20.50
CA GLU A 152 -11.46 -2.29 -21.83
C GLU A 152 -11.30 -0.80 -21.88
N ARG A 153 -10.69 -0.35 -22.98
N ARG A 153 -10.66 -0.33 -22.96
CA ARG A 153 -10.46 1.07 -23.27
CA ARG A 153 -10.44 1.09 -23.17
C ARG A 153 -11.79 1.72 -23.66
C ARG A 153 -11.76 1.73 -23.63
N PRO A 154 -12.26 2.68 -22.85
CA PRO A 154 -13.41 3.47 -23.32
C PRO A 154 -13.08 4.21 -24.64
N ILE A 155 -14.04 4.25 -25.54
CA ILE A 155 -13.91 4.98 -26.80
C ILE A 155 -14.28 6.42 -26.50
N LYS A 156 -13.31 7.23 -26.18
CA LYS A 156 -13.57 8.53 -25.57
C LYS A 156 -12.23 9.21 -25.41
N ARG A 157 -11.99 10.26 -26.18
CA ARG A 157 -10.71 10.98 -26.14
C ARG A 157 -10.70 11.82 -24.89
N VAL A 158 -9.52 12.05 -24.33
CA VAL A 158 -9.37 13.18 -23.40
C VAL A 158 -8.20 14.09 -23.75
N GLU A 159 -8.48 15.37 -23.50
CA GLU A 159 -7.54 16.45 -23.61
C GLU A 159 -7.28 16.97 -22.18
N GLY A 160 -6.16 17.64 -21.97
CA GLY A 160 -5.93 18.39 -20.73
C GLY A 160 -5.19 17.72 -19.59
N VAL A 161 -4.76 16.47 -19.80
CA VAL A 161 -3.98 15.73 -18.78
C VAL A 161 -2.52 15.69 -19.18
N VAL A 162 -1.63 16.13 -18.31
CA VAL A 162 -0.22 16.26 -18.63
C VAL A 162 0.59 15.44 -17.61
N GLU A 163 1.73 14.93 -18.04
CA GLU A 163 2.66 14.30 -17.12
C GLU A 163 3.71 15.31 -16.72
N VAL A 164 3.98 15.40 -15.42
CA VAL A 164 4.95 16.36 -14.88
C VAL A 164 6.13 15.62 -14.15
N ASN A 165 7.36 16.11 -14.33
N ASN A 165 7.33 16.18 -14.33
CA ASN A 165 8.52 15.41 -13.75
CA ASN A 165 8.59 15.62 -13.80
C ASN A 165 8.82 15.78 -12.26
C ASN A 165 8.78 15.77 -12.29
N LYS A 166 8.25 16.87 -11.76
CA LYS A 166 8.41 17.29 -10.36
C LYS A 166 7.01 17.45 -9.78
N ILE A 167 6.86 17.10 -8.50
CA ILE A 167 5.61 17.21 -7.82
C ILE A 167 5.37 18.69 -7.53
N PRO A 168 4.26 19.28 -8.06
CA PRO A 168 3.92 20.66 -7.66
C PRO A 168 3.26 20.77 -6.30
N ASN A 169 3.30 21.97 -5.74
CA ASN A 169 2.75 22.19 -4.41
C ASN A 169 1.27 21.92 -4.33
N TRP A 170 0.52 22.21 -5.40
CA TRP A 170 -0.93 21.98 -5.37
C TRP A 170 -1.24 20.49 -5.31
N VAL A 171 -0.35 19.64 -5.82
CA VAL A 171 -0.51 18.18 -5.72
C VAL A 171 -0.26 17.76 -4.29
N LYS A 172 0.79 18.30 -3.69
CA LYS A 172 1.09 18.05 -2.29
C LYS A 172 -0.09 18.42 -1.41
N GLU A 173 -0.72 19.55 -1.70
CA GLU A 173 -1.88 20.04 -0.93
C GLU A 173 -3.14 19.19 -1.10
N ILE A 174 -3.48 18.84 -2.33
CA ILE A 174 -4.65 17.99 -2.57
C ILE A 174 -4.46 16.56 -2.04
N ASP A 175 -3.23 16.05 -2.04
CA ASP A 175 -2.98 14.71 -1.49
C ASP A 175 -3.06 14.70 0.04
N LYS A 176 -2.56 15.76 0.64
CA LYS A 176 -2.64 15.92 2.09
C LYS A 176 -4.11 15.95 2.55
N LYS A 177 -4.94 16.62 1.76
CA LYS A 177 -6.37 16.70 2.02
C LYS A 177 -7.06 15.32 1.84
N ALA A 178 -6.74 14.60 0.77
CA ALA A 178 -7.31 13.30 0.48
C ALA A 178 -6.85 12.26 1.50
N PHE A 179 -5.55 12.17 1.71
CA PHE A 179 -4.95 11.14 2.55
C PHE A 179 -4.93 11.48 4.03
N GLY A 180 -4.97 12.77 4.36
CA GLY A 180 -4.98 13.23 5.74
C GLY A 180 -3.58 13.35 6.35
N ASP A 181 -2.56 13.17 5.51
CA ASP A 181 -1.19 13.14 5.99
C ASP A 181 -0.24 13.33 4.85
N ASP A 182 1.06 13.40 5.19
CA ASP A 182 2.13 13.66 4.24
C ASP A 182 2.82 12.35 3.86
N ARG A 183 2.60 11.93 2.60
CA ARG A 183 3.26 10.75 2.02
C ARG A 183 4.01 11.09 0.73
N ILE A 184 4.44 12.33 0.59
CA ILE A 184 5.05 12.80 -0.64
C ILE A 184 6.35 12.03 -0.92
N ARG A 185 7.02 11.60 0.14
CA ARG A 185 8.28 10.84 -0.03
C ARG A 185 8.05 9.50 -0.69
N VAL A 186 6.86 8.95 -0.54
CA VAL A 186 6.50 7.72 -1.21
C VAL A 186 6.29 7.98 -2.72
N LEU A 187 5.48 8.98 -3.04
N LEU A 187 5.49 9.00 -3.01
CA LEU A 187 5.31 9.39 -4.44
CA LEU A 187 5.29 9.45 -4.39
C LEU A 187 6.68 9.61 -5.10
C LEU A 187 6.63 9.65 -5.10
N GLU A 188 7.55 10.37 -4.44
CA GLU A 188 8.89 10.63 -4.96
C GLU A 188 9.73 9.38 -5.24
N ALA A 189 9.66 8.40 -4.34
CA ALA A 189 10.42 7.14 -4.46
C ALA A 189 9.98 6.36 -5.69
N TYR A 190 8.67 6.29 -5.90
CA TYR A 190 8.11 5.69 -7.11
C TYR A 190 8.48 6.42 -8.40
N MSE A 191 8.48 7.74 -8.35
CA MSE A 191 8.87 8.54 -9.48
C MSE A 191 10.35 8.37 -9.77
O MSE A 191 10.74 8.43 -10.96
CB MSE A 191 8.48 10.00 -9.28
CG MSE A 191 7.00 10.24 -9.37
SE MSE A 191 6.45 12.00 -8.72
CE MSE A 191 7.29 13.06 -10.15
N ARG A 192 11.20 8.13 -8.78
CA ARG A 192 12.61 7.77 -9.11
C ARG A 192 12.71 6.49 -9.95
N ARG A 193 11.71 5.60 -9.86
CA ARG A 193 11.72 4.35 -10.61
C ARG A 193 10.88 4.35 -11.86
N GLY A 194 10.38 5.51 -12.27
CA GLY A 194 9.75 5.63 -13.56
C GLY A 194 8.26 5.88 -13.51
N ALA A 195 7.70 5.90 -12.31
CA ALA A 195 6.28 6.17 -12.14
C ALA A 195 5.97 7.54 -12.70
N ARG A 196 4.81 7.69 -13.33
CA ARG A 196 4.45 8.91 -14.04
C ARG A 196 3.40 9.66 -13.27
N LEU A 197 3.59 10.97 -13.07
CA LEU A 197 2.61 11.78 -12.37
C LEU A 197 1.75 12.53 -13.41
N LEU A 198 0.47 12.17 -13.45
CA LEU A 198 -0.46 12.76 -14.40
C LEU A 198 -1.31 13.76 -13.66
N CYS A 199 -1.50 14.94 -14.23
CA CYS A 199 -2.17 16.05 -13.60
C CYS A 199 -3.21 16.63 -14.55
N ALA A 200 -4.37 16.96 -14.02
CA ALA A 200 -5.45 17.57 -14.81
C ALA A 200 -5.73 18.90 -14.18
N GLU A 201 -5.69 19.97 -14.97
CA GLU A 201 -6.07 21.29 -14.50
C GLU A 201 -5.17 21.49 -13.26
N ASN A 202 -5.68 22.10 -12.20
CA ASN A 202 -5.02 21.95 -10.89
C ASN A 202 -5.97 21.31 -9.89
N GLU A 203 -6.73 20.32 -10.37
CA GLU A 203 -7.85 19.74 -9.63
C GLU A 203 -7.72 18.24 -9.42
N GLY A 204 -6.65 17.63 -9.93
CA GLY A 204 -6.48 16.22 -9.69
C GLY A 204 -5.19 15.66 -10.20
N PHE A 205 -4.80 14.51 -9.68
CA PHE A 205 -3.61 13.81 -10.12
C PHE A 205 -3.78 12.30 -9.96
N GLY A 206 -3.01 11.57 -10.77
CA GLY A 206 -2.84 10.15 -10.63
C GLY A 206 -1.39 9.75 -10.84
N LEU A 207 -0.95 8.71 -10.12
CA LEU A 207 0.41 8.21 -10.25
C LEU A 207 0.34 6.85 -10.93
N VAL A 208 1.08 6.66 -12.00
CA VAL A 208 1.02 5.42 -12.76
C VAL A 208 2.39 4.77 -12.67
N TYR A 209 2.42 3.56 -12.11
CA TYR A 209 3.63 2.80 -11.97
C TYR A 209 3.34 1.39 -12.42
N ARG A 210 4.06 0.92 -13.44
CA ARG A 210 3.77 -0.38 -14.04
C ARG A 210 2.30 -0.42 -14.52
N GLY A 211 1.53 -1.41 -14.12
CA GLY A 211 0.16 -1.47 -14.64
C GLY A 211 -0.82 -0.95 -13.63
N LYS A 212 -0.38 -0.03 -12.77
CA LYS A 212 -1.18 0.34 -11.61
C LYS A 212 -1.28 1.84 -11.53
N ILE A 213 -2.48 2.33 -11.23
CA ILE A 213 -2.66 3.74 -10.87
C ILE A 213 -2.98 3.83 -9.37
N GLY A 214 -2.18 4.63 -8.69
CA GLY A 214 -2.40 4.86 -7.28
C GLY A 214 -1.30 5.78 -6.76
N PRO A 215 -1.66 6.84 -6.04
CA PRO A 215 -3.01 7.27 -5.83
C PRO A 215 -3.70 7.89 -7.05
N LEU A 216 -5.01 8.02 -6.92
CA LEU A 216 -5.83 8.86 -7.80
C LEU A 216 -6.69 9.74 -6.91
N VAL A 217 -6.42 11.05 -6.97
CA VAL A 217 -7.11 12.09 -6.20
C VAL A 217 -7.65 13.17 -7.16
N ALA A 218 -8.92 13.51 -7.01
CA ALA A 218 -9.57 14.51 -7.89
C ALA A 218 -10.69 15.27 -7.18
N ASP A 219 -10.76 16.58 -7.41
CA ASP A 219 -11.84 17.43 -6.87
C ASP A 219 -13.20 17.13 -7.48
N SER A 220 -13.26 16.49 -8.66
CA SER A 220 -14.54 16.06 -9.24
C SER A 220 -14.43 14.73 -9.98
N PRO A 221 -15.56 14.04 -10.12
CA PRO A 221 -15.56 12.83 -10.94
C PRO A 221 -15.12 13.05 -12.36
N ARG A 222 -15.45 14.20 -12.96
CA ARG A 222 -15.03 14.42 -14.35
C ARG A 222 -13.53 14.56 -14.49
N VAL A 223 -12.87 15.23 -13.56
CA VAL A 223 -11.41 15.30 -13.57
C VAL A 223 -10.78 13.92 -13.30
N ALA A 224 -11.31 13.17 -12.33
CA ALA A 224 -10.81 11.79 -12.08
C ALA A 224 -10.92 10.95 -13.34
N GLU A 225 -12.04 11.06 -14.06
CA GLU A 225 -12.19 10.31 -15.30
C GLU A 225 -11.11 10.66 -16.33
N LYS A 226 -10.88 11.96 -16.57
CA LYS A 226 -9.84 12.41 -17.51
C LYS A 226 -8.51 11.74 -17.17
N ILE A 227 -8.15 11.79 -15.88
CA ILE A 227 -6.87 11.21 -15.46
C ILE A 227 -6.90 9.69 -15.71
N LEU A 228 -7.98 9.02 -15.32
CA LEU A 228 -8.01 7.57 -15.44
C LEU A 228 -7.91 7.12 -16.91
N LEU A 229 -8.60 7.82 -17.81
CA LEU A 229 -8.51 7.49 -19.24
C LEU A 229 -7.08 7.60 -19.77
N LYS A 230 -6.39 8.68 -19.42
CA LYS A 230 -4.99 8.88 -19.82
C LYS A 230 -4.04 7.84 -19.18
N ALA A 231 -4.34 7.45 -17.95
CA ALA A 231 -3.58 6.43 -17.23
C ALA A 231 -3.71 5.12 -17.94
N PHE A 232 -4.91 4.80 -18.42
CA PHE A 232 -5.14 3.53 -19.13
C PHE A 232 -4.31 3.52 -20.42
N GLN A 233 -4.27 4.65 -21.09
CA GLN A 233 -3.49 4.82 -22.28
C GLN A 233 -2.00 4.61 -22.00
N LEU A 234 -1.56 5.00 -20.80
CA LEU A 234 -0.17 4.79 -20.41
C LEU A 234 0.08 3.47 -19.65
N GLY A 235 -0.87 2.53 -19.75
CA GLY A 235 -0.68 1.14 -19.32
C GLY A 235 -1.29 0.75 -18.00
N ALA A 236 -2.00 1.67 -17.32
CA ALA A 236 -2.70 1.40 -16.04
C ALA A 236 -3.84 0.43 -16.29
N ARG A 237 -3.87 -0.64 -15.51
CA ARG A 237 -4.86 -1.68 -15.62
C ARG A 237 -5.48 -2.02 -14.25
N GLU A 238 -4.99 -1.44 -13.16
CA GLU A 238 -5.53 -1.72 -11.86
C GLU A 238 -5.65 -0.48 -10.99
N ILE A 239 -6.66 -0.48 -10.12
CA ILE A 239 -6.97 0.62 -9.22
C ILE A 239 -7.57 0.01 -7.95
N ILE A 240 -7.22 0.59 -6.82
CA ILE A 240 -7.77 0.12 -5.55
C ILE A 240 -8.58 1.29 -4.97
N ILE A 241 -9.89 1.08 -4.94
CA ILE A 241 -10.89 2.07 -4.62
C ILE A 241 -11.39 1.90 -3.19
N PRO A 242 -11.45 2.99 -2.42
CA PRO A 242 -12.10 2.92 -1.11
C PRO A 242 -13.61 2.84 -1.37
N GLU A 243 -14.27 1.85 -0.79
N GLU A 243 -14.27 1.85 -0.79
CA GLU A 243 -15.66 1.54 -1.13
CA GLU A 243 -15.68 1.58 -1.12
C GLU A 243 -16.62 2.67 -0.69
C GLU A 243 -16.58 2.77 -0.78
N VAL A 244 -16.15 3.56 0.20
CA VAL A 244 -16.92 4.70 0.67
C VAL A 244 -16.89 5.90 -0.27
N ASN A 245 -16.07 5.87 -1.31
CA ASN A 245 -16.09 6.91 -2.34
C ASN A 245 -17.12 6.39 -3.32
N LYS A 246 -18.32 6.96 -3.24
CA LYS A 246 -19.45 6.56 -4.06
C LYS A 246 -19.20 6.84 -5.54
N ASP A 247 -18.48 7.92 -5.85
CA ASP A 247 -18.19 8.25 -7.24
C ASP A 247 -17.13 7.38 -7.88
N ALA A 248 -16.25 6.79 -7.08
CA ALA A 248 -15.15 5.98 -7.60
C ALA A 248 -15.64 4.68 -8.28
N LEU A 249 -16.59 3.98 -7.66
CA LEU A 249 -17.18 2.77 -8.25
C LEU A 249 -17.91 3.04 -9.55
N GLU A 250 -18.59 4.19 -9.63
CA GLU A 250 -19.29 4.58 -10.86
C GLU A 250 -18.31 4.97 -11.95
N LEU A 251 -17.23 5.63 -11.56
CA LEU A 251 -16.19 6.11 -12.47
C LEU A 251 -15.60 4.97 -13.28
N ILE A 252 -15.26 3.88 -12.61
N ILE A 252 -15.36 3.88 -12.57
CA ILE A 252 -14.51 2.81 -13.28
CA ILE A 252 -14.59 2.75 -13.06
C ILE A 252 -15.37 1.92 -14.17
C ILE A 252 -15.37 1.90 -14.07
N LYS A 253 -16.69 2.03 -14.05
CA LYS A 253 -17.61 1.19 -14.80
C LYS A 253 -17.41 1.26 -16.31
N ILE A 254 -16.99 2.41 -16.83
CA ILE A 254 -16.78 2.50 -18.30
C ILE A 254 -15.61 1.63 -18.80
N PHE A 255 -14.80 1.13 -17.87
CA PHE A 255 -13.69 0.24 -18.20
C PHE A 255 -14.13 -1.24 -18.10
N LYS A 256 -15.40 -1.49 -17.78
CA LYS A 256 -15.90 -2.85 -17.67
C LYS A 256 -15.02 -3.59 -16.69
N PRO A 257 -14.97 -3.11 -15.46
CA PRO A 257 -13.97 -3.63 -14.54
C PRO A 257 -14.23 -5.05 -14.03
N SER A 258 -13.17 -5.68 -13.54
CA SER A 258 -13.24 -7.01 -13.00
C SER A 258 -12.68 -6.93 -11.61
N GLN A 259 -13.48 -7.29 -10.60
CA GLN A 259 -13.00 -7.20 -9.23
C GLN A 259 -11.95 -8.25 -8.94
N VAL A 260 -10.80 -7.83 -8.42
CA VAL A 260 -9.71 -8.76 -8.13
C VAL A 260 -9.75 -9.28 -6.71
N THR A 261 -9.80 -8.36 -5.76
CA THR A 261 -9.81 -8.71 -4.34
C THR A 261 -10.26 -7.52 -3.52
N SER A 262 -10.65 -7.75 -2.28
CA SER A 262 -10.84 -6.63 -1.35
C SER A 262 -10.20 -6.86 0.01
N CYS A 263 -9.85 -5.75 0.66
CA CYS A 263 -9.40 -5.74 2.02
C CYS A 263 -10.31 -4.89 2.84
N MSE A 264 -10.17 -5.04 4.15
CA MSE A 264 -10.85 -4.19 5.06
C MSE A 264 -9.75 -3.30 5.62
O MSE A 264 -8.74 -3.79 6.12
CB MSE A 264 -11.56 -5.03 6.12
CG MSE A 264 -12.19 -4.23 7.24
SE MSE A 264 -13.63 -3.09 6.65
CE MSE A 264 -15.06 -4.43 6.51
N ARG A 265 -9.93 -2.00 5.49
CA ARG A 265 -9.05 -1.06 6.09
C ARG A 265 -9.42 -1.07 7.56
N MSE A 266 -8.42 -0.99 8.43
CA MSE A 266 -8.61 -1.08 9.88
C MSE A 266 -7.72 -0.08 10.59
O MSE A 266 -6.72 0.38 10.04
CB MSE A 266 -8.28 -2.49 10.36
CG MSE A 266 -9.07 -3.60 9.70
SE MSE A 266 -8.63 -5.32 10.40
CE MSE A 266 -9.89 -5.38 11.88
N ARG A 267 -8.07 0.23 11.84
CA ARG A 267 -7.42 1.29 12.61
C ARG A 267 -7.24 0.93 14.08
N LEU A 268 -6.06 1.23 14.59
CA LEU A 268 -5.81 1.22 16.02
C LEU A 268 -5.42 2.63 16.44
N GLY A 269 -6.27 3.25 17.25
CA GLY A 269 -6.09 4.61 17.67
C GLY A 269 -7.18 5.52 17.13
N SER A 270 -6.90 6.83 17.18
CA SER A 270 -7.88 7.85 16.82
C SER A 270 -7.97 8.05 15.32
N LYS A 271 -9.20 8.26 14.85
CA LYS A 271 -9.50 8.57 13.46
C LYS A 271 -8.66 9.74 12.96
N ILE A 272 -8.19 9.57 11.74
CA ILE A 272 -7.47 10.59 11.00
C ILE A 272 -8.47 11.30 10.10
N GLU A 273 -8.48 12.63 10.13
CA GLU A 273 -9.28 13.43 9.22
C GLU A 273 -8.78 13.19 7.78
N GLU A 274 -9.58 12.54 6.94
CA GLU A 274 -9.25 12.31 5.55
C GLU A 274 -10.41 12.78 4.67
N LYS A 275 -10.15 13.06 3.40
CA LYS A 275 -11.22 13.52 2.51
C LYS A 275 -11.45 12.48 1.41
N VAL A 276 -12.19 11.45 1.78
CA VAL A 276 -12.22 10.21 1.03
C VAL A 276 -13.12 10.32 -0.23
N ASP A 277 -13.96 11.37 -0.27
N ASP A 277 -13.93 11.37 -0.28
CA ASP A 277 -14.78 11.69 -1.44
CA ASP A 277 -14.78 11.63 -1.44
C ASP A 277 -13.92 12.10 -2.63
C ASP A 277 -14.01 12.26 -2.60
N ILE A 278 -12.76 12.68 -2.38
CA ILE A 278 -11.83 13.03 -3.48
C ILE A 278 -10.76 11.98 -3.76
N TYR A 279 -10.81 10.88 -2.99
CA TYR A 279 -9.75 9.90 -2.95
C TYR A 279 -10.29 8.68 -3.66
N TYR A 280 -9.83 8.47 -4.90
CA TYR A 280 -10.40 7.49 -5.82
C TYR A 280 -9.62 6.20 -5.87
N GLY A 281 -8.31 6.27 -5.68
CA GLY A 281 -7.44 5.13 -5.79
C GLY A 281 -6.34 5.26 -4.74
N ILE A 282 -6.25 4.28 -3.86
CA ILE A 282 -5.24 4.32 -2.83
C ILE A 282 -3.88 4.07 -3.49
N LEU A 283 -2.83 4.46 -2.81
CA LEU A 283 -1.48 4.24 -3.30
C LEU A 283 -1.18 2.74 -3.42
N ALA A 284 -1.30 2.02 -2.31
CA ALA A 284 -1.00 0.55 -2.24
C ALA A 284 -1.60 0.05 -0.97
N TYR A 285 -2.02 -1.20 -0.92
CA TYR A 285 -2.48 -1.78 0.36
C TYR A 285 -1.37 -1.69 1.46
N ALA A 286 -0.11 -1.80 1.05
CA ALA A 286 1.02 -1.71 1.99
C ALA A 286 1.22 -0.33 2.64
N LYS A 287 0.82 0.72 1.91
CA LYS A 287 1.19 2.08 2.23
C LYS A 287 0.02 3.02 2.53
N GLY A 288 -1.15 2.69 2.03
CA GLY A 288 -2.38 3.37 2.42
C GLY A 288 -3.02 4.15 1.30
N1A COA B . -7.36 -18.14 7.60
C2A COA B . -8.00 -17.37 8.53
N3A COA B . -7.28 -16.78 9.55
C4A COA B . -5.94 -16.98 9.59
C5A COA B . -5.26 -17.73 8.66
C6A COA B . -5.99 -18.32 7.65
N6A COA B . -5.39 -19.29 7.00
N7A COA B . -3.94 -17.76 8.94
C8A COA B . -3.77 -16.99 10.04
N9A COA B . -4.99 -16.51 10.44
C1B COA B . -5.28 -15.52 11.48
C2B COA B . -6.02 -16.17 12.65
O2B COA B . -6.86 -15.29 13.33
C3B COA B . -4.88 -16.54 13.55
O3B COA B . -5.33 -16.74 14.85
P3B COA B . -5.84 -18.17 15.36
O7A COA B . -5.95 -18.13 16.88
O8A COA B . -4.82 -19.20 14.97
O9A COA B . -7.25 -18.34 14.88
C4B COA B . -4.04 -15.31 13.40
O4B COA B . -4.06 -15.07 12.01
C5B COA B . -2.61 -15.43 13.91
O5B COA B . -2.04 -16.59 13.42
P1A COA B . -0.48 -16.62 13.16
O1A COA B . 0.00 -18.05 13.29
O2A COA B . 0.29 -15.73 14.09
O3A COA B . -0.42 -16.06 11.67
P2A COA B . 0.66 -16.54 10.59
O4A COA B . 2.03 -16.83 11.09
O5A COA B . 0.09 -17.71 9.81
O6A COA B . 0.67 -15.29 9.55
CBP COA B . -0.53 -14.04 7.75
CCP COA B . -0.56 -14.74 9.12
CDP COA B . 0.76 -13.23 7.67
CEP COA B . -1.73 -13.09 7.72
CAP COA B . -0.81 -14.93 6.52
OAP COA B . -0.93 -16.28 6.82
C9P COA B . 0.07 -14.77 5.30
O9P COA B . 1.44 -14.68 5.32
N8P COA B . -0.49 -14.69 4.12
C7P COA B . -0.02 -13.66 3.23
C6P COA B . -1.12 -13.08 2.37
C5P COA B . -2.34 -12.78 3.17
O5P COA B . -3.40 -13.31 2.73
N4P COA B . -2.24 -11.99 4.27
C3P COA B . -1.39 -10.80 4.48
C2P COA B . -2.00 -9.40 4.18
S1P COA B . -3.20 -8.65 5.36
C1 EDO C . 12.74 -4.95 16.76
O1 EDO C . 11.69 -5.57 17.48
C2 EDO C . 13.95 -5.88 16.60
O2 EDO C . 13.50 -7.22 16.52
C1 EDO D . 5.63 3.36 -15.25
O1 EDO D . 6.42 2.54 -14.40
C2 EDO D . 5.27 2.49 -16.45
O2 EDO D . 4.52 3.30 -17.36
C1 EDO E . -0.71 3.53 18.06
O1 EDO E . -0.26 4.09 19.29
C2 EDO E . -1.93 2.67 18.34
O2 EDO E . -2.92 3.42 19.05
C1 EDO F . 23.12 -10.08 30.34
O1 EDO F . 24.02 -10.95 31.04
C2 EDO F . 23.32 -10.22 28.84
O2 EDO F . 22.57 -11.34 28.33
C1 EDO G . 3.80 11.13 20.58
O1 EDO G . 3.66 11.07 21.99
C2 EDO G . 3.11 9.88 20.03
O2 EDO G . 3.50 8.77 20.84
#